data_4P5U
#
_entry.id   4P5U
#
_cell.length_a   43.165
_cell.length_b   52.697
_cell.length_c   98.363
_cell.angle_alpha   90.000
_cell.angle_beta   90.000
_cell.angle_gamma   90.000
#
_symmetry.space_group_name_H-M   'P 21 21 21'
#
loop_
_entity.id
_entity.type
_entity.pdbx_description
1 polymer 'Tat-linked quality control protein TatD'
2 water water
#
_entity_poly.entity_id   1
_entity_poly.type   'polypeptide(L)'
_entity_poly.pdbx_seq_one_letter_code
;MFDIGVNLTSSQFAKDRDDVVACAFDAGVNGLLITGTNLRESQQAQKLARQYSSCWSTAGVHPHDSSQWQAATEEAIIEL
AAQPEVVAIGECGLDFNRNFSTPEEQERAFVAQLRIAADLNMPVFMHCRDAHERFMTLLEPWLDKLPGAVLHCFTGTREE
MQACVAHGIYIGITGWVCDERRGLELRELLPLIPAEKLLIETDAPYLLPRDLTPKPSSRRNEPAHLPHILQRIAHWRGED
AAWLAATTDANVKTLFGIAFLE
;
_entity_poly.pdbx_strand_id   A
#
# COMPACT_ATOMS: atom_id res chain seq x y z
N MET A 1 -1.42 -9.45 -12.34
CA MET A 1 -1.63 -8.95 -10.99
C MET A 1 -0.44 -8.12 -10.50
N PHE A 2 -0.64 -7.37 -9.42
CA PHE A 2 0.36 -6.42 -8.94
C PHE A 2 0.23 -6.26 -7.42
N ASP A 3 1.37 -6.37 -6.72
CA ASP A 3 1.39 -6.20 -5.27
C ASP A 3 1.78 -4.77 -4.91
N ILE A 4 0.80 -3.98 -4.48
CA ILE A 4 1.04 -2.58 -4.14
C ILE A 4 1.59 -2.41 -2.73
N GLY A 5 1.77 -3.50 -1.99
CA GLY A 5 2.25 -3.40 -0.62
C GLY A 5 3.30 -4.43 -0.27
N VAL A 6 4.57 -4.13 -0.52
CA VAL A 6 5.65 -5.04 -0.16
C VAL A 6 6.75 -4.32 0.63
N ASN A 7 6.88 -4.66 1.91
CA ASN A 7 7.98 -4.15 2.73
C ASN A 7 9.25 -4.94 2.46
N LEU A 8 9.76 -4.84 1.23
CA LEU A 8 10.89 -5.63 0.78
C LEU A 8 12.20 -5.26 1.49
N THR A 9 12.24 -4.08 2.09
CA THR A 9 13.42 -3.63 2.82
C THR A 9 13.60 -4.38 4.14
N SER A 10 12.58 -5.14 4.52
CA SER A 10 12.56 -5.86 5.79
C SER A 10 13.72 -6.84 5.93
N SER A 11 14.25 -6.93 7.15
CA SER A 11 15.37 -7.83 7.46
C SER A 11 15.02 -9.27 7.12
N GLN A 12 13.72 -9.58 7.14
CA GLN A 12 13.24 -10.94 6.89
C GLN A 12 13.56 -11.45 5.47
N PHE A 13 13.93 -10.54 4.58
CA PHE A 13 14.22 -10.88 3.19
C PHE A 13 15.70 -10.75 2.87
N ALA A 14 16.50 -10.41 3.86
CA ALA A 14 17.91 -10.07 3.65
C ALA A 14 18.74 -11.16 2.93
N LYS A 15 18.49 -12.42 3.27
CA LYS A 15 19.28 -13.52 2.74
C LYS A 15 18.85 -14.00 1.35
N ASP A 16 17.57 -13.84 1.02
CA ASP A 16 17.01 -14.43 -0.21
C ASP A 16 16.17 -13.46 -1.05
N ARG A 17 16.53 -12.17 -1.04
CA ARG A 17 15.70 -11.16 -1.70
C ARG A 17 15.56 -11.36 -3.21
N ASP A 18 16.65 -11.74 -3.87
CA ASP A 18 16.61 -12.03 -5.30
C ASP A 18 15.60 -13.11 -5.64
N ASP A 19 15.54 -14.13 -4.77
CA ASP A 19 14.63 -15.26 -4.99
C ASP A 19 13.18 -14.93 -4.67
N VAL A 20 12.98 -14.15 -3.60
CA VAL A 20 11.64 -13.72 -3.20
C VAL A 20 10.96 -12.97 -4.34
N VAL A 21 11.71 -12.04 -4.94
CA VAL A 21 11.23 -11.29 -6.09
C VAL A 21 10.98 -12.21 -7.29
N ALA A 22 11.94 -13.07 -7.58
CA ALA A 22 11.86 -13.97 -8.73
C ALA A 22 10.75 -15.00 -8.57
N CYS A 23 10.55 -15.46 -7.34
CA CYS A 23 9.47 -16.39 -7.04
C CYS A 23 8.12 -15.70 -7.23
N ALA A 24 8.05 -14.44 -6.81
CA ALA A 24 6.85 -13.63 -7.02
C ALA A 24 6.53 -13.56 -8.51
N PHE A 25 7.56 -13.31 -9.31
CA PHE A 25 7.40 -13.21 -10.76
C PHE A 25 7.05 -14.55 -11.40
N ASP A 26 7.76 -15.61 -11.00
CA ASP A 26 7.50 -16.96 -11.51
C ASP A 26 6.06 -17.36 -11.24
N ALA A 27 5.53 -16.91 -10.10
CA ALA A 27 4.16 -17.20 -9.71
C ALA A 27 3.16 -16.27 -10.39
N GLY A 28 3.65 -15.37 -11.24
CA GLY A 28 2.77 -14.57 -12.07
C GLY A 28 2.44 -13.17 -11.59
N VAL A 29 3.11 -12.70 -10.55
CA VAL A 29 2.97 -11.32 -10.13
C VAL A 29 3.77 -10.43 -11.09
N ASN A 30 3.09 -9.49 -11.72
CA ASN A 30 3.70 -8.72 -12.81
C ASN A 30 4.50 -7.50 -12.36
N GLY A 31 4.41 -7.14 -11.07
CA GLY A 31 5.11 -5.98 -10.57
C GLY A 31 4.95 -5.72 -9.08
N LEU A 32 5.89 -4.98 -8.51
CA LEU A 32 5.88 -4.69 -7.08
C LEU A 32 5.99 -3.20 -6.79
N LEU A 33 5.34 -2.76 -5.72
CA LEU A 33 5.56 -1.43 -5.18
C LEU A 33 6.14 -1.58 -3.78
N ILE A 34 7.37 -1.14 -3.59
CA ILE A 34 8.09 -1.34 -2.34
C ILE A 34 7.85 -0.16 -1.37
N THR A 35 7.38 -0.47 -0.17
CA THR A 35 6.95 0.55 0.77
C THR A 35 8.10 1.30 1.43
N GLY A 36 8.01 2.63 1.45
CA GLY A 36 8.89 3.44 2.27
C GLY A 36 8.09 3.89 3.48
N THR A 37 8.67 3.76 4.67
CA THR A 37 7.95 4.06 5.90
C THR A 37 8.62 5.17 6.71
N ASN A 38 9.88 5.47 6.36
CA ASN A 38 10.58 6.63 6.89
C ASN A 38 11.66 7.02 5.88
N LEU A 39 12.48 8.03 6.19
CA LEU A 39 13.43 8.54 5.21
C LEU A 39 14.47 7.51 4.73
N ARG A 40 15.10 6.81 5.67
CA ARG A 40 16.15 5.85 5.33
C ARG A 40 15.59 4.60 4.62
N GLU A 41 14.44 4.12 5.09
CA GLU A 41 13.77 2.98 4.49
C GLU A 41 13.30 3.34 3.08
N SER A 42 12.83 4.58 2.92
CA SER A 42 12.42 5.07 1.61
C SER A 42 13.63 5.12 0.69
N GLN A 43 14.79 5.50 1.24
CA GLN A 43 16.04 5.51 0.48
C GLN A 43 16.42 4.09 0.05
N GLN A 44 16.35 3.14 0.99
CA GLN A 44 16.63 1.73 0.69
C GLN A 44 15.65 1.17 -0.35
N ALA A 45 14.39 1.54 -0.21
CA ALA A 45 13.34 1.03 -1.10
C ALA A 45 13.62 1.43 -2.55
N GLN A 46 14.02 2.68 -2.75
CA GLN A 46 14.34 3.17 -4.07
C GLN A 46 15.56 2.44 -4.64
N LYS A 47 16.54 2.17 -3.78
CA LYS A 47 17.74 1.43 -4.18
C LYS A 47 17.35 0.04 -4.67
N LEU A 48 16.45 -0.60 -3.94
CA LEU A 48 16.00 -1.95 -4.26
C LEU A 48 15.17 -1.97 -5.55
N ALA A 49 14.33 -0.95 -5.72
CA ALA A 49 13.50 -0.85 -6.91
C ALA A 49 14.33 -0.71 -8.18
N ARG A 50 15.52 -0.13 -8.05
CA ARG A 50 16.47 -0.06 -9.16
C ARG A 50 16.99 -1.45 -9.50
N GLN A 51 17.12 -2.30 -8.47
CA GLN A 51 17.71 -3.63 -8.64
C GLN A 51 16.86 -4.58 -9.48
N TYR A 52 15.55 -4.38 -9.45
CA TYR A 52 14.65 -5.32 -10.12
C TYR A 52 13.77 -4.67 -11.17
N SER A 53 13.53 -5.40 -12.26
CA SER A 53 12.57 -4.97 -13.28
C SER A 53 11.18 -4.94 -12.66
N SER A 54 10.35 -4.03 -13.14
CA SER A 54 8.96 -3.91 -12.69
C SER A 54 8.82 -3.71 -11.18
N CYS A 55 9.75 -2.95 -10.59
CA CYS A 55 9.67 -2.58 -9.18
C CYS A 55 9.74 -1.07 -9.01
N TRP A 56 8.86 -0.54 -8.16
CA TRP A 56 8.84 0.88 -7.84
C TRP A 56 8.80 1.03 -6.32
N SER A 57 8.83 2.27 -5.84
CA SER A 57 8.83 2.51 -4.41
C SER A 57 8.05 3.75 -4.02
N THR A 58 7.69 3.84 -2.75
CA THR A 58 7.09 5.05 -2.20
C THR A 58 8.14 5.74 -1.34
N ALA A 59 7.96 7.06 -1.15
CA ALA A 59 8.86 7.83 -0.29
C ALA A 59 8.05 8.65 0.70
N GLY A 60 8.27 8.41 2.00
CA GLY A 60 7.54 9.14 3.02
C GLY A 60 7.77 8.66 4.44
N VAL A 61 6.92 9.14 5.36
CA VAL A 61 7.06 8.82 6.78
C VAL A 61 5.75 8.30 7.40
N HIS A 62 5.76 7.04 7.79
CA HIS A 62 4.65 6.39 8.48
C HIS A 62 4.33 7.15 9.76
N PRO A 63 3.05 7.22 10.14
CA PRO A 63 2.67 7.92 11.39
C PRO A 63 3.39 7.39 12.64
N HIS A 64 3.84 6.14 12.62
CA HIS A 64 4.62 5.60 13.73
C HIS A 64 5.97 6.27 13.83
N ASP A 65 6.50 6.66 12.66
CA ASP A 65 7.80 7.30 12.59
C ASP A 65 7.67 8.82 12.48
N SER A 66 6.46 9.33 12.68
CA SER A 66 6.19 10.76 12.46
C SER A 66 6.91 11.68 13.45
N SER A 67 7.33 11.12 14.59
CA SER A 67 8.04 11.90 15.59
C SER A 67 9.43 12.31 15.10
N GLN A 68 9.89 11.70 14.00
CA GLN A 68 11.20 12.04 13.45
C GLN A 68 11.11 13.08 12.34
N TRP A 69 9.91 13.58 12.06
CA TRP A 69 9.77 14.59 11.02
C TRP A 69 10.57 15.83 11.36
N GLN A 70 11.37 16.29 10.40
CA GLN A 70 12.22 17.46 10.63
C GLN A 70 12.17 18.44 9.46
N ALA A 71 12.80 19.60 9.65
CA ALA A 71 12.82 20.66 8.66
C ALA A 71 13.42 20.21 7.34
N ALA A 72 14.39 19.30 7.39
CA ALA A 72 15.06 18.83 6.19
C ALA A 72 14.37 17.63 5.54
N THR A 73 13.32 17.11 6.17
CA THR A 73 12.68 15.90 5.67
C THR A 73 12.01 16.11 4.31
N GLU A 74 11.31 17.23 4.15
CA GLU A 74 10.64 17.56 2.89
C GLU A 74 11.59 17.49 1.69
N GLU A 75 12.70 18.22 1.74
CA GLU A 75 13.66 18.22 0.64
C GLU A 75 14.19 16.82 0.34
N ALA A 76 14.43 16.05 1.40
CA ALA A 76 14.89 14.67 1.25
C ALA A 76 13.84 13.82 0.53
N ILE A 77 12.58 14.01 0.88
CA ILE A 77 11.48 13.32 0.21
C ILE A 77 11.46 13.69 -1.28
N ILE A 78 11.54 14.99 -1.57
CA ILE A 78 11.54 15.47 -2.95
C ILE A 78 12.74 14.97 -3.75
N GLU A 79 13.92 14.97 -3.11
CA GLU A 79 15.12 14.42 -3.74
C GLU A 79 14.87 12.99 -4.20
N LEU A 80 14.22 12.21 -3.35
CA LEU A 80 13.89 10.82 -3.66
C LEU A 80 12.78 10.77 -4.71
N ALA A 81 11.72 11.54 -4.47
CA ALA A 81 10.56 11.53 -5.34
C ALA A 81 10.89 11.88 -6.79
N ALA A 82 11.96 12.65 -6.99
CA ALA A 82 12.39 13.04 -8.33
C ALA A 82 12.85 11.84 -9.16
N GLN A 83 13.29 10.79 -8.49
CA GLN A 83 13.75 9.58 -9.15
C GLN A 83 12.57 8.78 -9.72
N PRO A 84 12.76 8.18 -10.90
CA PRO A 84 11.65 7.52 -11.62
C PRO A 84 11.11 6.27 -10.93
N GLU A 85 11.88 5.66 -10.04
CA GLU A 85 11.39 4.51 -9.28
C GLU A 85 10.30 4.92 -8.29
N VAL A 86 10.42 6.15 -7.79
CA VAL A 86 9.49 6.64 -6.77
C VAL A 86 8.24 7.21 -7.41
N VAL A 87 7.09 6.57 -7.16
CA VAL A 87 5.85 6.91 -7.84
C VAL A 87 4.74 7.39 -6.90
N ALA A 88 5.02 7.44 -5.61
CA ALA A 88 4.02 7.88 -4.63
C ALA A 88 4.65 8.44 -3.36
N ILE A 89 3.98 9.41 -2.77
CA ILE A 89 4.39 9.96 -1.46
C ILE A 89 3.65 9.19 -0.37
N GLY A 90 4.43 8.62 0.55
CA GLY A 90 3.89 7.70 1.54
C GLY A 90 4.94 6.67 1.88
N GLU A 91 4.67 5.77 2.82
CA GLU A 91 3.36 5.62 3.47
C GLU A 91 3.13 6.72 4.50
N CYS A 92 1.95 7.34 4.43
CA CYS A 92 1.63 8.44 5.32
C CYS A 92 0.16 8.39 5.73
N GLY A 93 -0.15 8.95 6.89
CA GLY A 93 -1.53 8.95 7.36
C GLY A 93 -1.67 9.01 8.86
N LEU A 94 -2.63 8.26 9.39
CA LEU A 94 -2.93 8.28 10.81
C LEU A 94 -3.15 6.88 11.40
N ASP A 95 -2.63 6.68 12.62
CA ASP A 95 -2.94 5.51 13.44
C ASP A 95 -3.29 6.03 14.84
N PHE A 96 -4.46 5.64 15.33
CA PHE A 96 -4.92 6.09 16.63
C PHE A 96 -4.08 5.55 17.80
N ASN A 97 -3.11 4.68 17.47
CA ASN A 97 -2.05 4.28 18.42
C ASN A 97 -1.06 5.43 18.62
N ARG A 98 -1.00 5.96 19.83
CA ARG A 98 -0.20 7.15 20.09
C ARG A 98 1.12 6.86 20.82
N ASN A 99 1.41 5.59 21.07
CA ASN A 99 2.59 5.22 21.84
C ASN A 99 3.93 5.56 21.18
N PHE A 100 3.97 5.51 19.86
CA PHE A 100 5.22 5.76 19.14
C PHE A 100 5.27 7.20 18.62
N SER A 101 4.11 7.78 18.37
CA SER A 101 4.03 9.18 17.96
C SER A 101 2.68 9.78 18.36
N THR A 102 2.71 11.02 18.84
CA THR A 102 1.50 11.71 19.28
C THR A 102 0.61 12.05 18.10
N PRO A 103 -0.70 12.21 18.33
CA PRO A 103 -1.62 12.60 17.26
C PRO A 103 -1.19 13.93 16.63
N GLU A 104 -0.64 14.81 17.47
CA GLU A 104 -0.10 16.09 17.00
C GLU A 104 1.04 15.86 16.02
N GLU A 105 1.98 15.00 16.40
CA GLU A 105 3.09 14.66 15.51
C GLU A 105 2.60 13.97 14.23
N GLN A 106 1.59 13.11 14.37
CA GLN A 106 1.02 12.40 13.22
C GLN A 106 0.37 13.34 12.22
N GLU A 107 -0.51 14.21 12.73
CA GLU A 107 -1.22 15.17 11.89
C GLU A 107 -0.26 16.04 11.11
N ARG A 108 0.78 16.53 11.78
CA ARG A 108 1.75 17.43 11.16
C ARG A 108 2.51 16.76 10.03
N ALA A 109 3.02 15.56 10.27
CA ALA A 109 3.75 14.82 9.25
C ALA A 109 2.84 14.46 8.07
N PHE A 110 1.58 14.14 8.39
CA PHE A 110 0.60 13.77 7.36
C PHE A 110 0.32 14.94 6.42
N VAL A 111 -0.03 16.08 6.99
CA VAL A 111 -0.34 17.27 6.21
C VAL A 111 0.87 17.72 5.39
N ALA A 112 2.05 17.63 5.99
CA ALA A 112 3.29 17.98 5.31
C ALA A 112 3.51 17.16 4.03
N GLN A 113 3.20 15.87 4.10
CA GLN A 113 3.39 14.98 2.95
C GLN A 113 2.31 15.16 1.88
N LEU A 114 1.10 15.54 2.30
CA LEU A 114 0.06 15.89 1.35
C LEU A 114 0.47 17.13 0.56
N ARG A 115 1.11 18.07 1.26
CA ARG A 115 1.59 19.29 0.63
C ARG A 115 2.67 19.00 -0.41
N ILE A 116 3.56 18.05 -0.10
CA ILE A 116 4.61 17.65 -1.02
C ILE A 116 4.03 17.00 -2.27
N ALA A 117 3.05 16.12 -2.07
CA ALA A 117 2.42 15.43 -3.19
C ALA A 117 1.69 16.40 -4.12
N ALA A 118 1.13 17.46 -3.53
CA ALA A 118 0.44 18.48 -4.31
C ALA A 118 1.44 19.32 -5.09
N ASP A 119 2.56 19.64 -4.45
CA ASP A 119 3.61 20.42 -5.09
C ASP A 119 4.22 19.64 -6.25
N LEU A 120 4.33 18.32 -6.09
CA LEU A 120 4.96 17.48 -7.11
C LEU A 120 3.95 16.84 -8.06
N ASN A 121 2.67 17.04 -7.80
CA ASN A 121 1.59 16.39 -8.55
C ASN A 121 1.75 14.87 -8.58
N MET A 122 1.87 14.27 -7.40
CA MET A 122 2.07 12.84 -7.26
C MET A 122 0.96 12.24 -6.38
N PRO A 123 0.64 10.96 -6.58
CA PRO A 123 -0.38 10.31 -5.76
C PRO A 123 0.15 9.98 -4.36
N VAL A 124 -0.75 9.72 -3.41
CA VAL A 124 -0.32 9.36 -2.07
C VAL A 124 -0.69 7.92 -1.67
N PHE A 125 0.27 7.25 -1.04
CA PHE A 125 0.09 5.90 -0.52
C PHE A 125 -0.25 6.05 0.95
N MET A 126 -1.52 5.85 1.29
CA MET A 126 -2.01 6.24 2.61
C MET A 126 -2.28 5.09 3.58
N HIS A 127 -2.38 5.44 4.85
CA HIS A 127 -2.65 4.47 5.91
C HIS A 127 -3.57 5.10 6.95
N CYS A 128 -4.64 4.38 7.29
CA CYS A 128 -5.57 4.86 8.30
C CYS A 128 -5.96 3.70 9.21
N ARG A 129 -5.73 3.87 10.50
CA ARG A 129 -6.06 2.84 11.47
C ARG A 129 -6.86 3.45 12.61
N ASP A 130 -8.15 3.13 12.65
CA ASP A 130 -9.03 3.64 13.69
C ASP A 130 -8.99 5.17 13.79
N ALA A 131 -9.03 5.85 12.65
CA ALA A 131 -8.90 7.30 12.64
C ALA A 131 -9.61 7.94 11.44
N HIS A 132 -10.64 7.26 10.93
CA HIS A 132 -11.33 7.68 9.70
C HIS A 132 -11.78 9.14 9.69
N GLU A 133 -12.39 9.60 10.78
CA GLU A 133 -12.97 10.94 10.81
C GLU A 133 -11.89 12.03 10.75
N ARG A 134 -10.88 11.89 11.59
CA ARG A 134 -9.76 12.83 11.60
C ARG A 134 -9.02 12.79 10.27
N PHE A 135 -8.87 11.57 9.74
CA PHE A 135 -8.16 11.30 8.50
C PHE A 135 -8.77 12.06 7.32
N MET A 136 -10.06 11.85 7.10
CA MET A 136 -10.77 12.50 6.00
C MET A 136 -10.79 14.03 6.15
N THR A 137 -10.88 14.49 7.39
CA THR A 137 -10.91 15.93 7.67
C THR A 137 -9.61 16.61 7.24
N LEU A 138 -8.48 15.93 7.43
CA LEU A 138 -7.19 16.47 7.02
C LEU A 138 -6.95 16.31 5.53
N LEU A 139 -7.52 15.26 4.96
CA LEU A 139 -7.33 14.92 3.55
C LEU A 139 -8.06 15.92 2.68
N GLU A 140 -9.23 16.34 3.15
CA GLU A 140 -10.19 17.13 2.38
C GLU A 140 -9.65 18.32 1.55
N PRO A 141 -8.85 19.20 2.17
CA PRO A 141 -8.41 20.34 1.34
C PRO A 141 -7.26 20.00 0.39
N TRP A 142 -6.83 18.73 0.35
CA TRP A 142 -5.66 18.37 -0.45
C TRP A 142 -5.93 17.37 -1.58
N LEU A 143 -6.82 16.41 -1.34
CA LEU A 143 -6.98 15.28 -2.25
C LEU A 143 -7.36 15.66 -3.69
N ASP A 144 -8.19 16.69 -3.84
CA ASP A 144 -8.69 17.06 -5.17
C ASP A 144 -7.62 17.68 -6.09
N LYS A 145 -6.52 18.16 -5.51
CA LYS A 145 -5.41 18.69 -6.29
C LYS A 145 -4.27 17.67 -6.37
N LEU A 146 -4.61 16.42 -6.10
CA LEU A 146 -3.70 15.29 -6.24
C LEU A 146 -4.19 14.41 -7.38
N PRO A 147 -3.28 13.73 -8.08
CA PRO A 147 -3.71 12.85 -9.17
C PRO A 147 -4.50 11.63 -8.64
N GLY A 148 -4.25 11.24 -7.40
CA GLY A 148 -4.96 10.12 -6.80
C GLY A 148 -4.41 9.69 -5.46
N ALA A 149 -5.02 8.68 -4.85
CA ALA A 149 -4.61 8.20 -3.54
C ALA A 149 -5.10 6.78 -3.29
N VAL A 150 -4.37 6.04 -2.47
CA VAL A 150 -4.79 4.70 -2.09
C VAL A 150 -4.78 4.56 -0.57
N LEU A 151 -5.83 3.98 -0.02
CA LEU A 151 -5.86 3.59 1.38
C LEU A 151 -5.37 2.14 1.43
N HIS A 152 -4.08 1.96 1.70
CA HIS A 152 -3.48 0.63 1.75
C HIS A 152 -3.75 -0.05 3.08
N CYS A 153 -3.82 -1.37 3.07
CA CYS A 153 -4.21 -2.15 4.26
C CYS A 153 -5.49 -1.62 4.89
N PHE A 154 -6.53 -1.44 4.07
CA PHE A 154 -7.81 -0.93 4.55
C PHE A 154 -8.44 -1.92 5.53
N THR A 155 -8.87 -1.43 6.68
CA THR A 155 -9.50 -2.29 7.69
C THR A 155 -10.78 -1.68 8.26
N GLY A 156 -11.36 -0.73 7.53
CA GLY A 156 -12.53 0.00 8.02
C GLY A 156 -13.85 -0.65 7.68
N THR A 157 -14.95 0.04 7.99
CA THR A 157 -16.29 -0.49 7.76
C THR A 157 -16.73 -0.26 6.32
N ARG A 158 -17.89 -0.82 5.99
CA ARG A 158 -18.50 -0.66 4.67
C ARG A 158 -18.83 0.79 4.37
N GLU A 159 -19.39 1.50 5.35
CA GLU A 159 -19.71 2.92 5.20
C GLU A 159 -18.43 3.74 5.03
N GLU A 160 -17.39 3.40 5.79
CA GLU A 160 -16.13 4.11 5.68
C GLU A 160 -15.49 3.90 4.30
N MET A 161 -15.63 2.69 3.77
CA MET A 161 -15.14 2.38 2.43
C MET A 161 -15.88 3.24 1.40
N GLN A 162 -17.21 3.27 1.52
CA GLN A 162 -18.03 4.03 0.59
C GLN A 162 -17.76 5.54 0.67
N ALA A 163 -17.46 6.02 1.87
CA ALA A 163 -17.10 7.42 2.05
C ALA A 163 -15.78 7.74 1.35
N CYS A 164 -14.84 6.79 1.39
CA CYS A 164 -13.53 6.99 0.76
C CYS A 164 -13.58 6.95 -0.77
N VAL A 165 -14.22 5.94 -1.33
CA VAL A 165 -14.28 5.79 -2.79
C VAL A 165 -15.02 6.93 -3.48
N ALA A 166 -15.88 7.62 -2.73
CA ALA A 166 -16.61 8.77 -3.25
C ALA A 166 -15.65 9.91 -3.61
N HIS A 167 -14.48 9.92 -2.98
CA HIS A 167 -13.49 10.94 -3.24
C HIS A 167 -12.33 10.40 -4.06
N GLY A 168 -12.57 9.27 -4.72
CA GLY A 168 -11.62 8.71 -5.66
C GLY A 168 -10.61 7.76 -5.05
N ILE A 169 -10.63 7.65 -3.73
CA ILE A 169 -9.65 6.86 -2.99
C ILE A 169 -9.72 5.37 -3.32
N TYR A 170 -8.58 4.79 -3.72
CA TYR A 170 -8.48 3.36 -3.97
C TYR A 170 -8.42 2.59 -2.67
N ILE A 171 -8.97 1.37 -2.68
CA ILE A 171 -9.03 0.56 -1.47
C ILE A 171 -8.10 -0.65 -1.55
N GLY A 172 -7.05 -0.66 -0.73
CA GLY A 172 -6.09 -1.76 -0.75
C GLY A 172 -6.45 -2.90 0.18
N ILE A 173 -6.63 -4.08 -0.39
CA ILE A 173 -7.01 -5.27 0.36
C ILE A 173 -5.84 -6.26 0.47
N THR A 174 -5.52 -6.64 1.70
CA THR A 174 -4.43 -7.58 1.98
C THR A 174 -4.98 -8.97 2.29
N GLY A 175 -4.13 -9.86 2.81
CA GLY A 175 -4.53 -11.21 3.13
C GLY A 175 -5.30 -11.31 4.44
N TRP A 176 -5.46 -10.17 5.12
CA TRP A 176 -6.22 -10.08 6.35
C TRP A 176 -7.67 -10.52 6.12
N VAL A 177 -8.18 -10.26 4.91
CA VAL A 177 -9.51 -10.72 4.50
C VAL A 177 -9.69 -12.23 4.68
N CYS A 178 -8.59 -12.97 4.57
CA CYS A 178 -8.61 -14.41 4.69
C CYS A 178 -8.67 -14.90 6.14
N ASP A 179 -8.51 -13.99 7.10
CA ASP A 179 -8.59 -14.37 8.51
C ASP A 179 -10.04 -14.63 8.94
N GLU A 180 -10.30 -15.87 9.35
CA GLU A 180 -11.63 -16.30 9.73
C GLU A 180 -12.16 -15.54 10.94
N ARG A 181 -11.33 -15.39 11.97
CA ARG A 181 -11.75 -14.70 13.17
C ARG A 181 -11.89 -13.19 12.95
N ARG A 182 -10.87 -12.62 12.30
CA ARG A 182 -10.62 -11.18 12.34
C ARG A 182 -10.96 -10.42 11.06
N GLY A 183 -11.02 -11.11 9.93
CA GLY A 183 -11.23 -10.44 8.64
C GLY A 183 -12.65 -10.55 8.10
N LEU A 184 -13.61 -10.91 8.95
CA LEU A 184 -14.99 -11.11 8.51
C LEU A 184 -15.68 -9.84 7.99
N GLU A 185 -15.64 -8.75 8.76
CA GLU A 185 -16.25 -7.50 8.33
C GLU A 185 -15.65 -7.05 7.00
N LEU A 186 -14.33 -7.22 6.88
CA LEU A 186 -13.63 -6.86 5.66
C LEU A 186 -14.14 -7.70 4.49
N ARG A 187 -14.25 -9.01 4.73
CA ARG A 187 -14.71 -9.96 3.71
C ARG A 187 -16.12 -9.66 3.24
N GLU A 188 -16.96 -9.14 4.14
CA GLU A 188 -18.36 -8.90 3.82
C GLU A 188 -18.59 -7.62 3.01
N LEU A 189 -17.76 -6.61 3.21
CA LEU A 189 -17.85 -5.37 2.44
C LEU A 189 -17.19 -5.54 1.07
N LEU A 190 -16.33 -6.55 0.98
CA LEU A 190 -15.55 -6.86 -0.22
C LEU A 190 -16.28 -6.76 -1.56
N PRO A 191 -17.47 -7.40 -1.69
CA PRO A 191 -18.15 -7.29 -2.99
C PRO A 191 -18.70 -5.89 -3.24
N LEU A 192 -18.76 -5.05 -2.22
CA LEU A 192 -19.32 -3.71 -2.39
C LEU A 192 -18.27 -2.68 -2.82
N ILE A 193 -17.01 -3.09 -2.77
CA ILE A 193 -15.93 -2.25 -3.28
C ILE A 193 -16.03 -2.21 -4.80
N PRO A 194 -16.09 -1.01 -5.38
CA PRO A 194 -16.13 -0.86 -6.83
C PRO A 194 -14.86 -1.45 -7.44
N ALA A 195 -15.00 -2.24 -8.50
CA ALA A 195 -13.87 -2.95 -9.09
C ALA A 195 -12.74 -2.02 -9.50
N GLU A 196 -13.10 -0.82 -9.94
CA GLU A 196 -12.12 0.12 -10.47
C GLU A 196 -11.48 0.94 -9.34
N LYS A 197 -11.77 0.56 -8.10
CA LYS A 197 -11.15 1.17 -6.93
C LYS A 197 -10.38 0.14 -6.11
N LEU A 198 -10.44 -1.11 -6.55
CA LEU A 198 -9.84 -2.21 -5.80
C LEU A 198 -8.37 -2.38 -6.14
N LEU A 199 -7.55 -2.48 -5.09
CA LEU A 199 -6.13 -2.78 -5.24
C LEU A 199 -5.77 -3.94 -4.33
N ILE A 200 -4.69 -4.65 -4.67
CA ILE A 200 -4.37 -5.91 -4.00
C ILE A 200 -2.92 -5.92 -3.52
N GLU A 201 -2.68 -6.51 -2.34
CA GLU A 201 -1.35 -6.47 -1.71
C GLU A 201 -1.16 -7.57 -0.67
N THR A 202 0.10 -7.86 -0.33
CA THR A 202 0.40 -8.86 0.69
C THR A 202 0.71 -8.21 2.02
N ASP A 203 1.35 -7.03 1.95
CA ASP A 203 1.96 -6.37 3.11
C ASP A 203 3.04 -7.27 3.71
N ALA A 204 3.67 -8.06 2.85
CA ALA A 204 4.76 -8.94 3.23
C ALA A 204 5.87 -8.12 3.88
N PRO A 205 6.52 -8.67 4.93
CA PRO A 205 6.40 -10.04 5.45
C PRO A 205 5.21 -10.27 6.37
N TYR A 206 4.34 -9.27 6.52
CA TYR A 206 3.24 -9.37 7.47
C TYR A 206 1.96 -9.92 6.85
N LEU A 207 1.00 -10.24 7.69
CA LEU A 207 -0.34 -10.65 7.26
C LEU A 207 -0.33 -11.88 6.35
N LEU A 208 0.41 -12.91 6.76
CA LEU A 208 0.38 -14.18 6.06
C LEU A 208 -1.06 -14.70 6.06
N PRO A 209 -1.59 -15.04 4.88
CA PRO A 209 -2.99 -15.48 4.79
C PRO A 209 -3.26 -16.73 5.63
N ARG A 210 -4.27 -16.66 6.50
CA ARG A 210 -4.58 -17.76 7.40
C ARG A 210 -5.08 -19.01 6.69
N ASP A 211 -5.66 -18.82 5.50
CA ASP A 211 -6.18 -19.94 4.73
C ASP A 211 -5.19 -20.41 3.67
N LEU A 212 -3.95 -19.95 3.79
CA LEU A 212 -2.89 -20.38 2.88
C LEU A 212 -2.41 -21.76 3.27
N THR A 213 -2.33 -22.66 2.28
CA THR A 213 -1.75 -23.98 2.52
C THR A 213 -0.92 -24.44 1.32
N PRO A 214 0.33 -24.83 1.57
CA PRO A 214 0.95 -24.87 2.91
C PRO A 214 1.54 -23.54 3.38
N LYS A 215 1.76 -23.44 4.69
CA LYS A 215 2.38 -22.26 5.30
C LYS A 215 3.83 -22.56 5.71
N PRO A 216 4.71 -21.55 5.59
CA PRO A 216 6.09 -21.70 6.07
C PRO A 216 6.20 -21.66 7.61
N SER A 217 7.22 -22.34 8.14
CA SER A 217 7.51 -22.33 9.58
C SER A 217 7.85 -20.93 10.06
N SER A 218 8.50 -20.17 9.20
CA SER A 218 8.92 -18.81 9.48
C SER A 218 7.73 -17.87 9.67
N ARG A 219 6.56 -18.34 9.26
CA ARG A 219 5.33 -17.52 9.13
C ARG A 219 5.55 -16.20 8.40
N ARG A 220 6.60 -16.15 7.57
CA ARG A 220 6.92 -14.96 6.79
C ARG A 220 6.09 -14.91 5.50
N ASN A 221 5.40 -13.80 5.30
CA ASN A 221 4.66 -13.59 4.07
C ASN A 221 5.58 -13.13 2.95
N GLU A 222 5.18 -13.35 1.71
CA GLU A 222 5.97 -12.92 0.56
C GLU A 222 5.06 -12.66 -0.64
N PRO A 223 5.50 -11.80 -1.56
CA PRO A 223 4.66 -11.43 -2.72
C PRO A 223 4.22 -12.62 -3.57
N ALA A 224 4.93 -13.74 -3.47
CA ALA A 224 4.54 -14.95 -4.21
C ALA A 224 3.20 -15.51 -3.74
N HIS A 225 2.70 -15.01 -2.62
CA HIS A 225 1.42 -15.44 -2.07
C HIS A 225 0.26 -14.56 -2.57
N LEU A 226 0.59 -13.52 -3.33
CA LEU A 226 -0.42 -12.66 -3.92
C LEU A 226 -1.49 -13.37 -4.77
N PRO A 227 -1.08 -14.32 -5.64
CA PRO A 227 -2.10 -15.01 -6.43
C PRO A 227 -3.16 -15.71 -5.57
N HIS A 228 -2.79 -16.19 -4.40
CA HIS A 228 -3.74 -16.83 -3.49
C HIS A 228 -4.77 -15.81 -3.02
N ILE A 229 -4.28 -14.63 -2.65
CA ILE A 229 -5.15 -13.57 -2.15
C ILE A 229 -6.12 -13.11 -3.23
N LEU A 230 -5.59 -12.85 -4.43
CA LEU A 230 -6.42 -12.44 -5.57
C LEU A 230 -7.52 -13.47 -5.85
N GLN A 231 -7.15 -14.75 -5.82
CA GLN A 231 -8.08 -15.82 -6.13
C GLN A 231 -9.20 -15.92 -5.10
N ARG A 232 -8.84 -15.73 -3.82
CA ARG A 232 -9.85 -15.75 -2.76
C ARG A 232 -10.78 -14.55 -2.90
N ILE A 233 -10.21 -13.37 -3.14
CA ILE A 233 -10.98 -12.14 -3.31
C ILE A 233 -11.92 -12.24 -4.51
N ALA A 234 -11.40 -12.75 -5.62
CA ALA A 234 -12.20 -12.95 -6.83
C ALA A 234 -13.40 -13.86 -6.53
N HIS A 235 -13.15 -14.94 -5.80
CA HIS A 235 -14.21 -15.89 -5.45
C HIS A 235 -15.31 -15.25 -4.60
N TRP A 236 -14.90 -14.56 -3.55
CA TRP A 236 -15.85 -13.90 -2.65
C TRP A 236 -16.60 -12.76 -3.35
N ARG A 237 -16.01 -12.26 -4.44
CA ARG A 237 -16.66 -11.21 -5.24
C ARG A 237 -17.45 -11.83 -6.38
N GLY A 238 -17.34 -13.15 -6.52
CA GLY A 238 -18.04 -13.88 -7.56
C GLY A 238 -17.50 -13.55 -8.94
N GLU A 239 -16.21 -13.29 -9.03
CA GLU A 239 -15.59 -12.94 -10.31
C GLU A 239 -14.55 -13.95 -10.75
N ASP A 240 -14.24 -13.94 -12.04
CA ASP A 240 -13.12 -14.69 -12.60
C ASP A 240 -11.82 -14.00 -12.20
N ALA A 241 -10.84 -14.79 -11.75
CA ALA A 241 -9.57 -14.23 -11.28
C ALA A 241 -8.81 -13.46 -12.37
N ALA A 242 -8.82 -14.01 -13.58
CA ALA A 242 -8.15 -13.38 -14.71
C ALA A 242 -8.72 -11.99 -15.00
N TRP A 243 -10.04 -11.85 -14.84
CA TRP A 243 -10.70 -10.57 -15.07
C TRP A 243 -10.29 -9.56 -14.01
N LEU A 244 -10.39 -9.94 -12.74
CA LEU A 244 -10.08 -9.02 -11.65
C LEU A 244 -8.61 -8.63 -11.65
N ALA A 245 -7.75 -9.58 -12.04
CA ALA A 245 -6.33 -9.30 -12.17
C ALA A 245 -6.09 -8.17 -13.17
N ALA A 246 -6.77 -8.25 -14.31
CA ALA A 246 -6.68 -7.23 -15.34
C ALA A 246 -7.21 -5.89 -14.84
N THR A 247 -8.34 -5.93 -14.14
CA THR A 247 -8.96 -4.72 -13.61
C THR A 247 -8.05 -4.04 -12.59
N THR A 248 -7.59 -4.82 -11.60
CA THR A 248 -6.74 -4.27 -10.55
C THR A 248 -5.41 -3.77 -11.09
N ASP A 249 -4.91 -4.43 -12.12
CA ASP A 249 -3.67 -3.99 -12.77
C ASP A 249 -3.86 -2.63 -13.44
N ALA A 250 -5.03 -2.42 -14.02
CA ALA A 250 -5.35 -1.14 -14.66
C ALA A 250 -5.51 -0.05 -13.62
N ASN A 251 -6.04 -0.42 -12.46
CA ASN A 251 -6.18 0.53 -11.35
C ASN A 251 -4.81 1.04 -10.92
N VAL A 252 -3.84 0.14 -10.89
CA VAL A 252 -2.46 0.50 -10.52
C VAL A 252 -1.86 1.48 -11.51
N LYS A 253 -2.03 1.21 -12.81
CA LYS A 253 -1.48 2.08 -13.84
C LYS A 253 -2.18 3.43 -13.87
N THR A 254 -3.50 3.40 -13.69
CA THR A 254 -4.29 4.62 -13.62
C THR A 254 -3.84 5.48 -12.44
N LEU A 255 -3.62 4.84 -11.29
CA LEU A 255 -3.22 5.55 -10.07
C LEU A 255 -1.75 6.00 -10.07
N PHE A 256 -0.82 5.10 -10.37
CA PHE A 256 0.60 5.41 -10.22
C PHE A 256 1.28 5.91 -11.50
N GLY A 257 0.57 5.79 -12.63
CA GLY A 257 1.08 6.28 -13.90
C GLY A 257 2.19 5.43 -14.48
N ILE A 258 2.26 4.18 -14.04
CA ILE A 258 3.31 3.28 -14.49
C ILE A 258 2.82 2.33 -15.57
N ALA A 259 3.77 1.70 -16.26
CA ALA A 259 3.47 0.68 -17.25
C ALA A 259 4.20 -0.61 -16.86
N PHE A 260 3.49 -1.74 -16.93
CA PHE A 260 4.11 -3.04 -16.69
C PHE A 260 3.42 -4.13 -17.50
N LEU A 261 4.06 -5.29 -17.73
CA LEU A 261 3.59 -6.31 -18.74
C LEU A 261 2.48 -7.20 -18.19
N GLU A 262 1.55 -7.62 -19.05
CA GLU A 262 0.49 -8.51 -18.59
C GLU A 262 0.72 -9.94 -19.07
#